data_3LXE
#
_entry.id   3LXE
#
_cell.length_a   63.32
_cell.length_b   71.07
_cell.length_c   120.66
_cell.angle_alpha   90
_cell.angle_beta   90
_cell.angle_gamma   90
#
_symmetry.space_group_name_H-M   'P 21 21 21'
#
loop_
_entity.id
_entity.type
_entity.pdbx_description
1 polymer 'Carbonic anhydrase 1'
2 non-polymer 'ZINC ION'
3 non-polymer "[(3aS,5aR,8aR,8bS)-2,2,7,7-tetramethyltetrahydro-3aH-bis[1,3]dioxolo[4,5-b:4',5'-d]pyran-3a-yl]methyl sulfamate"
4 water water
#
_entity_poly.entity_id   1
_entity_poly.type   'polypeptide(L)'
_entity_poly.pdbx_seq_one_letter_code
;ASPDWGYDDKNGPEQWSKLYPIANGNNQSPVDIKTSETKHDTSLKPISVSYNPATAKEIINVGHSFHVNFEDNDNRSVLK
GGPFSDSYRLFQFHFHWGSTNEHGSEHTVDGVKYSAELHVAHWNSAKYSSLAEAASKADGLAVIGVLMKVGEANPKLQKV
LDALQAIKTKGKRAPFTNFDPSTLLPSSLDFWTYPGSLTHPPLYESVTWIICKESISVSSEQLAQFRSLLSNVEGDNAVP
MQHNNRPTQPLKGRTVRASF
;
_entity_poly.pdbx_strand_id   A,B
#
loop_
_chem_comp.id
_chem_comp.type
_chem_comp.name
_chem_comp.formula
TOR non-polymer '[(3aS,5aR,8aR,8bS)-2,2,7,7-tetramethyltetrahydro-3aH-bis[1,3]dioxolo[4,5-b:4',5'-d]pyran-3a-yl]methyl sulfamate' 'C12 H21 N O8 S'
ZN non-polymer 'ZINC ION' 'Zn 2'
#
# COMPACT_ATOMS: atom_id res chain seq x y z
N TRP A 5 -12.45 -16.88 9.33
CA TRP A 5 -12.53 -17.12 7.86
C TRP A 5 -11.87 -16.01 7.04
N GLY A 6 -11.44 -16.37 5.84
CA GLY A 6 -10.79 -15.39 4.99
C GLY A 6 -10.73 -15.87 3.56
N TYR A 7 -9.65 -15.54 2.86
CA TYR A 7 -9.49 -15.94 1.48
C TYR A 7 -8.12 -16.58 1.25
N ASP A 8 -7.40 -16.81 2.35
CA ASP A 8 -6.09 -17.45 2.26
C ASP A 8 -6.29 -18.90 1.87
N ASP A 9 -5.23 -19.54 1.41
CA ASP A 9 -5.28 -20.93 0.99
C ASP A 9 -5.89 -21.89 2.01
N LYS A 10 -5.58 -21.70 3.29
CA LYS A 10 -6.07 -22.57 4.34
C LYS A 10 -7.48 -22.29 4.88
N ASN A 11 -7.91 -21.03 4.85
CA ASN A 11 -9.23 -20.67 5.36
C ASN A 11 -10.08 -19.96 4.30
N GLY A 12 -9.74 -20.16 3.03
CA GLY A 12 -10.48 -19.51 1.96
C GLY A 12 -11.81 -20.14 1.61
N PRO A 13 -12.47 -19.64 0.55
CA PRO A 13 -13.77 -20.07 0.02
C PRO A 13 -13.93 -21.57 -0.14
N GLU A 14 -12.87 -22.25 -0.56
CA GLU A 14 -12.91 -23.69 -0.77
C GLU A 14 -13.02 -24.49 0.54
N GLN A 15 -12.70 -23.84 1.65
CA GLN A 15 -12.76 -24.51 2.95
C GLN A 15 -13.92 -24.03 3.82
N TRP A 16 -14.71 -23.09 3.30
CA TRP A 16 -15.85 -22.55 4.05
C TRP A 16 -16.95 -23.57 4.33
N SER A 17 -17.16 -24.50 3.41
CA SER A 17 -18.19 -25.52 3.58
C SER A 17 -18.01 -26.34 4.86
N LYS A 18 -16.79 -26.36 5.39
CA LYS A 18 -16.52 -27.12 6.61
C LYS A 18 -17.36 -26.69 7.79
N LEU A 19 -17.43 -25.38 8.05
CA LEU A 19 -18.24 -24.88 9.15
C LEU A 19 -19.58 -24.36 8.65
N TYR A 20 -19.66 -24.09 7.35
CA TYR A 20 -20.90 -23.60 6.75
C TYR A 20 -21.29 -24.45 5.55
N PRO A 21 -22.05 -25.54 5.79
CA PRO A 21 -22.53 -26.47 4.77
C PRO A 21 -23.34 -25.82 3.66
N ILE A 22 -23.98 -24.70 3.99
CA ILE A 22 -24.81 -23.97 3.02
C ILE A 22 -23.97 -23.46 1.85
N ALA A 23 -22.65 -23.52 2.00
CA ALA A 23 -21.75 -23.05 0.95
C ALA A 23 -21.91 -23.88 -0.31
N ASN A 24 -22.46 -25.07 -0.17
CA ASN A 24 -22.69 -25.97 -1.30
C ASN A 24 -24.18 -26.00 -1.62
N GLY A 25 -24.92 -25.00 -1.14
CA GLY A 25 -26.36 -24.94 -1.37
C GLY A 25 -26.76 -24.63 -2.79
N ASN A 26 -28.07 -24.48 -3.02
CA ASN A 26 -28.60 -24.21 -4.35
C ASN A 26 -28.87 -22.74 -4.66
N ASN A 27 -28.55 -21.85 -3.72
CA ASN A 27 -28.78 -20.42 -3.95
C ASN A 27 -27.56 -19.60 -3.55
N GLN A 28 -26.38 -20.10 -3.91
CA GLN A 28 -25.14 -19.42 -3.56
C GLN A 28 -24.72 -18.34 -4.57
N SER A 29 -23.98 -17.37 -4.06
CA SER A 29 -23.49 -16.26 -4.87
C SER A 29 -21.99 -16.11 -4.62
N PRO A 30 -21.26 -15.48 -5.55
CA PRO A 30 -21.74 -14.91 -6.81
C PRO A 30 -21.91 -15.97 -7.90
N VAL A 31 -22.41 -15.54 -9.05
CA VAL A 31 -22.59 -16.46 -10.17
C VAL A 31 -22.10 -15.80 -11.44
N ASP A 32 -21.95 -16.58 -12.49
CA ASP A 32 -21.57 -16.05 -13.78
C ASP A 32 -22.87 -15.80 -14.51
N ILE A 33 -23.08 -14.57 -14.96
CA ILE A 33 -24.31 -14.25 -15.67
C ILE A 33 -24.13 -14.49 -17.17
N LYS A 34 -24.90 -15.42 -17.72
CA LYS A 34 -24.82 -15.70 -19.15
C LYS A 34 -25.99 -14.96 -19.79
N THR A 35 -25.66 -13.92 -20.56
CA THR A 35 -26.68 -13.10 -21.19
C THR A 35 -27.61 -13.82 -22.16
N SER A 36 -27.10 -14.86 -22.82
CA SER A 36 -27.94 -15.60 -23.76
C SER A 36 -28.99 -16.41 -23.02
N GLU A 37 -28.78 -16.64 -21.73
CA GLU A 37 -29.71 -17.42 -20.92
C GLU A 37 -30.55 -16.63 -19.92
N THR A 38 -30.43 -15.30 -19.92
CA THR A 38 -31.21 -14.48 -19.00
C THR A 38 -32.63 -14.30 -19.55
N LYS A 39 -33.59 -14.11 -18.67
CA LYS A 39 -34.96 -13.91 -19.10
C LYS A 39 -35.45 -12.52 -18.79
N HIS A 40 -35.79 -11.77 -19.85
CA HIS A 40 -36.30 -10.42 -19.68
C HIS A 40 -37.66 -10.50 -19.01
N ASP A 41 -37.80 -9.85 -17.85
CA ASP A 41 -39.05 -9.84 -17.13
C ASP A 41 -39.67 -8.47 -17.26
N THR A 42 -40.84 -8.42 -17.89
CA THR A 42 -41.56 -7.16 -18.11
C THR A 42 -42.16 -6.58 -16.83
N SER A 43 -42.32 -7.40 -15.81
CA SER A 43 -42.90 -6.95 -14.54
C SER A 43 -41.91 -6.18 -13.66
N LEU A 44 -40.61 -6.33 -13.94
CA LEU A 44 -39.57 -5.66 -13.16
C LEU A 44 -39.66 -4.14 -13.30
N LYS A 45 -39.82 -3.47 -12.16
CA LYS A 45 -39.91 -2.02 -12.17
C LYS A 45 -38.52 -1.41 -12.04
N PRO A 46 -38.40 -0.10 -12.29
CA PRO A 46 -37.11 0.58 -12.20
C PRO A 46 -36.58 0.55 -10.77
N ILE A 47 -35.25 0.52 -10.63
CA ILE A 47 -34.64 0.53 -9.30
C ILE A 47 -34.72 1.97 -8.80
N SER A 48 -35.15 2.12 -7.55
CA SER A 48 -35.27 3.44 -6.96
C SER A 48 -34.51 3.50 -5.64
N VAL A 49 -33.44 4.31 -5.61
CA VAL A 49 -32.66 4.48 -4.40
C VAL A 49 -32.75 5.93 -3.94
N SER A 50 -32.88 6.10 -2.63
CA SER A 50 -32.97 7.43 -2.04
C SER A 50 -32.26 7.36 -0.70
N TYR A 51 -31.00 7.77 -0.71
CA TYR A 51 -30.16 7.73 0.48
C TYR A 51 -29.94 9.13 1.09
N ASN A 52 -29.91 9.19 2.41
CA ASN A 52 -29.69 10.45 3.13
C ASN A 52 -28.22 10.41 3.57
N PRO A 53 -27.41 11.38 3.10
CA PRO A 53 -26.00 11.41 3.48
C PRO A 53 -25.74 11.40 4.98
N ALA A 54 -26.72 11.86 5.74
CA ALA A 54 -26.58 11.91 7.19
C ALA A 54 -26.57 10.52 7.83
N THR A 55 -27.02 9.50 7.10
CA THR A 55 -27.03 8.14 7.66
C THR A 55 -25.67 7.46 7.66
N ALA A 56 -24.70 8.03 6.92
CA ALA A 56 -23.36 7.44 6.90
C ALA A 56 -22.88 7.49 8.35
N LYS A 57 -22.35 6.38 8.85
CA LYS A 57 -21.92 6.26 10.23
C LYS A 57 -20.43 6.06 10.47
N GLU A 58 -19.88 4.95 9.98
CA GLU A 58 -18.46 4.69 10.19
C GLU A 58 -17.86 3.71 9.18
N ILE A 59 -16.54 3.61 9.19
CA ILE A 59 -15.82 2.72 8.30
C ILE A 59 -14.97 1.78 9.18
N ILE A 60 -14.99 0.49 8.84
CA ILE A 60 -14.27 -0.52 9.64
C ILE A 60 -13.42 -1.50 8.86
N ASN A 61 -12.23 -1.78 9.39
CA ASN A 61 -11.32 -2.76 8.79
C ASN A 61 -11.64 -4.08 9.46
N VAL A 62 -12.19 -5.01 8.69
CA VAL A 62 -12.56 -6.32 9.22
C VAL A 62 -11.57 -7.44 8.90
N GLY A 63 -10.32 -7.07 8.63
CA GLY A 63 -9.31 -8.08 8.34
C GLY A 63 -9.22 -8.53 6.90
N HIS A 64 -10.33 -9.03 6.37
CA HIS A 64 -10.37 -9.51 4.99
C HIS A 64 -10.87 -8.42 3.99
N SER A 65 -11.52 -7.39 4.51
CA SER A 65 -12.00 -6.25 3.70
C SER A 65 -12.29 -5.14 4.67
N PHE A 66 -13.09 -4.19 4.23
CA PHE A 66 -13.47 -3.07 5.05
C PHE A 66 -14.85 -2.72 4.57
N HIS A 67 -15.64 -2.07 5.41
CA HIS A 67 -16.96 -1.67 4.98
C HIS A 67 -17.44 -0.42 5.70
N VAL A 68 -18.34 0.29 5.05
CA VAL A 68 -18.90 1.53 5.57
C VAL A 68 -20.32 1.24 6.05
N ASN A 69 -20.58 1.52 7.32
CA ASN A 69 -21.90 1.28 7.89
C ASN A 69 -22.74 2.54 7.95
N PHE A 70 -24.06 2.35 7.88
CA PHE A 70 -25.01 3.44 7.93
C PHE A 70 -26.01 3.22 9.07
N GLU A 71 -26.50 4.32 9.63
CA GLU A 71 -27.50 4.22 10.69
C GLU A 71 -28.73 3.64 10.00
N ASP A 72 -29.33 2.60 10.59
CA ASP A 72 -30.49 1.97 10.00
C ASP A 72 -31.66 1.87 10.97
N ASN A 73 -31.89 2.93 11.74
CA ASN A 73 -32.97 2.95 12.71
C ASN A 73 -34.29 3.40 12.09
N ASP A 74 -34.21 4.00 10.90
CA ASP A 74 -35.41 4.46 10.19
C ASP A 74 -35.23 4.37 8.68
N ASN A 75 -36.22 4.86 7.93
CA ASN A 75 -36.16 4.81 6.47
C ASN A 75 -35.65 6.08 5.80
N ARG A 76 -34.58 6.65 6.34
CA ARG A 76 -34.02 7.84 5.74
C ARG A 76 -33.31 7.47 4.44
N SER A 77 -32.75 6.25 4.41
CA SER A 77 -32.04 5.75 3.23
C SER A 77 -32.63 4.41 2.83
N VAL A 78 -33.33 4.38 1.70
CA VAL A 78 -33.97 3.15 1.26
C VAL A 78 -33.85 2.80 -0.22
N LEU A 79 -34.20 1.55 -0.52
CA LEU A 79 -34.19 1.00 -1.87
C LEU A 79 -35.58 0.47 -2.17
N LYS A 80 -36.10 0.79 -3.36
CA LYS A 80 -37.42 0.31 -3.79
C LYS A 80 -37.43 -0.02 -5.27
N GLY A 81 -38.54 -0.55 -5.76
CA GLY A 81 -38.65 -0.87 -7.18
C GLY A 81 -38.07 -2.23 -7.51
N GLY A 82 -37.65 -2.40 -8.76
CA GLY A 82 -37.09 -3.67 -9.20
C GLY A 82 -38.08 -4.81 -8.98
N PRO A 83 -37.63 -5.92 -8.37
CA PRO A 83 -38.52 -7.06 -8.13
C PRO A 83 -39.16 -7.01 -6.75
N PHE A 84 -38.93 -5.92 -6.03
CA PHE A 84 -39.44 -5.76 -4.67
C PHE A 84 -40.79 -5.09 -4.50
N SER A 85 -41.54 -5.56 -3.51
CA SER A 85 -42.84 -5.02 -3.16
C SER A 85 -42.63 -4.27 -1.85
N ASP A 86 -41.58 -4.65 -1.13
CA ASP A 86 -41.26 -4.03 0.15
C ASP A 86 -40.13 -3.01 -0.03
N SER A 87 -39.98 -2.15 0.98
CA SER A 87 -38.93 -1.13 0.98
C SER A 87 -37.75 -1.69 1.76
N TYR A 88 -36.55 -1.56 1.22
CA TYR A 88 -35.34 -2.06 1.88
C TYR A 88 -34.47 -0.94 2.40
N ARG A 89 -34.03 -1.08 3.65
CA ARG A 89 -33.22 -0.08 4.33
C ARG A 89 -31.71 -0.25 4.15
N LEU A 90 -31.05 0.80 3.71
CA LEU A 90 -29.60 0.76 3.50
C LEU A 90 -28.87 0.62 4.83
N PHE A 91 -27.84 -0.22 4.88
CA PHE A 91 -27.07 -0.37 6.10
C PHE A 91 -25.57 -0.49 5.87
N GLN A 92 -25.15 -0.69 4.62
CA GLN A 92 -23.72 -0.85 4.38
C GLN A 92 -23.32 -0.98 2.91
N PHE A 93 -22.06 -0.67 2.64
CA PHE A 93 -21.49 -0.88 1.32
C PHE A 93 -20.01 -1.21 1.51
N HIS A 94 -19.49 -2.03 0.61
CA HIS A 94 -18.09 -2.43 0.68
C HIS A 94 -17.67 -2.84 -0.73
N PHE A 95 -16.42 -3.29 -0.88
CA PHE A 95 -15.92 -3.70 -2.19
C PHE A 95 -15.24 -5.04 -2.12
N HIS A 96 -15.03 -5.63 -3.29
CA HIS A 96 -14.32 -6.90 -3.41
C HIS A 96 -13.31 -6.61 -4.51
N TRP A 97 -12.12 -7.16 -4.38
CA TRP A 97 -11.09 -6.94 -5.38
C TRP A 97 -10.19 -8.17 -5.47
N GLY A 98 -9.26 -8.15 -6.43
CA GLY A 98 -8.36 -9.28 -6.60
C GLY A 98 -6.91 -8.88 -6.45
N SER A 99 -6.01 -9.84 -6.64
CA SER A 99 -4.58 -9.57 -6.51
C SER A 99 -4.02 -8.72 -7.64
N THR A 100 -4.65 -8.81 -8.81
CA THR A 100 -4.22 -8.04 -9.98
C THR A 100 -5.48 -7.50 -10.66
N ASN A 101 -5.30 -6.59 -11.61
CA ASN A 101 -6.44 -6.02 -12.33
C ASN A 101 -7.16 -7.06 -13.16
N GLU A 102 -6.50 -8.20 -13.39
CA GLU A 102 -7.04 -9.29 -14.20
C GLU A 102 -8.34 -9.86 -13.66
N HIS A 103 -8.49 -9.81 -12.34
CA HIS A 103 -9.69 -10.34 -11.69
C HIS A 103 -9.97 -9.53 -10.44
N GLY A 104 -11.05 -9.86 -9.74
CA GLY A 104 -11.37 -9.13 -8.52
C GLY A 104 -12.86 -9.03 -8.26
N SER A 105 -13.67 -8.94 -9.33
CA SER A 105 -15.11 -8.86 -9.16
C SER A 105 -15.60 -10.21 -8.68
N GLU A 106 -16.79 -10.26 -8.08
CA GLU A 106 -17.32 -11.54 -7.64
C GLU A 106 -18.21 -12.11 -8.73
N HIS A 107 -19.16 -11.30 -9.21
CA HIS A 107 -20.00 -11.75 -10.30
C HIS A 107 -19.20 -11.60 -11.57
N THR A 108 -19.56 -12.38 -12.59
CA THR A 108 -18.90 -12.30 -13.88
C THR A 108 -20.02 -12.26 -14.91
N VAL A 109 -19.74 -11.68 -16.08
CA VAL A 109 -20.77 -11.60 -17.12
C VAL A 109 -20.22 -12.27 -18.38
N ASP A 110 -20.83 -13.39 -18.75
CA ASP A 110 -20.39 -14.16 -19.91
C ASP A 110 -18.93 -14.52 -19.75
N GLY A 111 -18.58 -14.94 -18.53
CA GLY A 111 -17.22 -15.34 -18.22
C GLY A 111 -16.21 -14.21 -18.00
N VAL A 112 -16.61 -12.97 -18.27
CA VAL A 112 -15.69 -11.84 -18.11
C VAL A 112 -15.56 -11.40 -16.67
N LYS A 113 -14.33 -11.38 -16.18
CA LYS A 113 -14.03 -10.99 -14.81
C LYS A 113 -13.57 -9.54 -14.80
N TYR A 114 -14.10 -8.75 -13.88
CA TYR A 114 -13.72 -7.35 -13.77
C TYR A 114 -12.73 -7.19 -12.62
N SER A 115 -12.16 -6.00 -12.46
CA SER A 115 -11.15 -5.76 -11.42
C SER A 115 -11.66 -5.66 -9.99
N ALA A 116 -12.90 -5.26 -9.82
CA ALA A 116 -13.47 -5.14 -8.49
C ALA A 116 -14.97 -5.11 -8.58
N GLU A 117 -15.63 -5.06 -7.42
CA GLU A 117 -17.07 -5.01 -7.39
C GLU A 117 -17.57 -4.32 -6.13
N LEU A 118 -18.51 -3.41 -6.30
CA LEU A 118 -19.12 -2.66 -5.21
C LEU A 118 -20.44 -3.31 -4.81
N HIS A 119 -20.65 -3.48 -3.52
CA HIS A 119 -21.88 -4.07 -2.99
C HIS A 119 -22.53 -3.07 -2.04
N VAL A 120 -23.80 -2.74 -2.29
CA VAL A 120 -24.56 -1.83 -1.44
C VAL A 120 -25.68 -2.70 -0.87
N ALA A 121 -25.60 -3.00 0.42
CA ALA A 121 -26.58 -3.87 1.07
C ALA A 121 -27.70 -3.18 1.85
N HIS A 122 -28.90 -3.77 1.78
CA HIS A 122 -30.07 -3.26 2.47
C HIS A 122 -30.82 -4.44 3.10
N TRP A 123 -31.64 -4.18 4.11
CA TRP A 123 -32.44 -5.24 4.72
C TRP A 123 -33.92 -4.86 4.70
N ASN A 124 -34.77 -5.88 4.63
CA ASN A 124 -36.22 -5.69 4.56
C ASN A 124 -36.83 -5.16 5.85
N SER A 125 -37.05 -3.86 5.91
CA SER A 125 -37.63 -3.23 7.09
C SER A 125 -39.16 -3.23 7.10
N ALA A 126 -39.77 -3.71 6.02
CA ALA A 126 -41.23 -3.77 5.95
C ALA A 126 -41.70 -5.00 6.73
N LYS A 127 -40.92 -6.08 6.66
CA LYS A 127 -41.27 -7.33 7.34
C LYS A 127 -40.50 -7.58 8.62
N TYR A 128 -39.30 -7.04 8.74
CA TYR A 128 -38.51 -7.26 9.94
C TYR A 128 -38.13 -5.97 10.62
N SER A 129 -37.72 -6.06 11.88
CA SER A 129 -37.36 -4.88 12.66
C SER A 129 -35.86 -4.68 12.88
N SER A 130 -35.03 -5.52 12.28
CA SER A 130 -33.58 -5.38 12.45
C SER A 130 -32.82 -6.21 11.42
N LEU A 131 -31.56 -5.83 11.21
CA LEU A 131 -30.68 -6.55 10.30
C LEU A 131 -30.50 -7.99 10.81
N ALA A 132 -30.24 -8.10 12.12
CA ALA A 132 -30.05 -9.41 12.76
C ALA A 132 -31.18 -10.38 12.41
N GLU A 133 -32.42 -9.91 12.48
CA GLU A 133 -33.58 -10.74 12.17
C GLU A 133 -33.75 -11.00 10.67
N ALA A 134 -33.52 -9.97 9.86
CA ALA A 134 -33.69 -10.08 8.41
C ALA A 134 -32.59 -10.88 7.71
N ALA A 135 -31.38 -10.83 8.25
CA ALA A 135 -30.21 -11.49 7.67
C ALA A 135 -30.36 -12.96 7.25
N SER A 136 -31.20 -13.72 7.92
CA SER A 136 -31.37 -15.14 7.60
C SER A 136 -32.65 -15.47 6.85
N LYS A 137 -33.48 -14.47 6.59
CA LYS A 137 -34.73 -14.67 5.88
C LYS A 137 -34.53 -14.68 4.38
N ALA A 138 -35.27 -15.54 3.68
CA ALA A 138 -35.17 -15.65 2.24
C ALA A 138 -35.36 -14.30 1.54
N ASP A 139 -36.24 -13.47 2.09
CA ASP A 139 -36.52 -12.15 1.52
C ASP A 139 -36.01 -11.00 2.39
N GLY A 140 -35.07 -11.31 3.27
CA GLY A 140 -34.56 -10.29 4.17
C GLY A 140 -33.53 -9.30 3.67
N LEU A 141 -32.72 -9.69 2.69
CA LEU A 141 -31.67 -8.81 2.18
C LEU A 141 -31.75 -8.48 0.69
N ALA A 142 -31.33 -7.27 0.37
CA ALA A 142 -31.30 -6.78 -1.02
C ALA A 142 -29.93 -6.15 -1.21
N VAL A 143 -29.18 -6.63 -2.20
CA VAL A 143 -27.85 -6.08 -2.44
C VAL A 143 -27.62 -5.72 -3.90
N ILE A 144 -27.19 -4.48 -4.11
CA ILE A 144 -26.90 -4.00 -5.44
C ILE A 144 -25.42 -4.29 -5.71
N GLY A 145 -25.13 -4.89 -6.86
CA GLY A 145 -23.75 -5.16 -7.22
C GLY A 145 -23.37 -4.34 -8.44
N VAL A 146 -22.21 -3.69 -8.39
CA VAL A 146 -21.74 -2.88 -9.51
C VAL A 146 -20.34 -3.34 -9.91
N LEU A 147 -20.21 -3.79 -11.16
CA LEU A 147 -18.92 -4.25 -11.66
C LEU A 147 -18.03 -3.04 -11.88
N MET A 148 -16.78 -3.15 -11.47
CA MET A 148 -15.82 -2.06 -11.60
C MET A 148 -14.74 -2.44 -12.60
N LYS A 149 -14.68 -1.67 -13.69
CA LYS A 149 -13.72 -1.93 -14.76
C LYS A 149 -12.50 -1.02 -14.64
N VAL A 150 -11.32 -1.62 -14.64
CA VAL A 150 -10.09 -0.84 -14.53
C VAL A 150 -9.96 0.14 -15.69
N GLY A 151 -9.69 1.40 -15.36
CA GLY A 151 -9.55 2.43 -16.37
C GLY A 151 -9.25 3.78 -15.75
N GLU A 152 -10.08 4.77 -16.06
CA GLU A 152 -9.89 6.12 -15.53
C GLU A 152 -10.17 6.17 -14.02
N ALA A 153 -9.43 7.02 -13.32
CA ALA A 153 -9.62 7.19 -11.88
C ALA A 153 -11.06 7.56 -11.63
N ASN A 154 -11.65 7.03 -10.57
CA ASN A 154 -13.03 7.32 -10.24
C ASN A 154 -13.05 8.34 -9.10
N PRO A 155 -13.32 9.61 -9.41
CA PRO A 155 -13.35 10.64 -8.37
C PRO A 155 -14.35 10.38 -7.24
N LYS A 156 -15.44 9.68 -7.55
CA LYS A 156 -16.48 9.38 -6.57
C LYS A 156 -15.94 8.54 -5.40
N LEU A 157 -14.90 7.76 -5.65
CA LEU A 157 -14.30 6.90 -4.63
C LEU A 157 -13.38 7.67 -3.68
N GLN A 158 -13.08 8.91 -4.05
CA GLN A 158 -12.18 9.75 -3.26
C GLN A 158 -12.37 9.74 -1.75
N LYS A 159 -13.57 10.12 -1.28
CA LYS A 159 -13.82 10.15 0.16
C LYS A 159 -13.55 8.80 0.81
N VAL A 160 -14.01 7.72 0.16
CA VAL A 160 -13.81 6.40 0.71
C VAL A 160 -12.31 6.10 0.79
N LEU A 161 -11.60 6.36 -0.30
CA LEU A 161 -10.17 6.11 -0.37
C LEU A 161 -9.36 6.93 0.62
N ASP A 162 -9.76 8.19 0.84
CA ASP A 162 -9.04 9.04 1.77
C ASP A 162 -9.22 8.60 3.22
N ALA A 163 -10.32 7.92 3.50
CA ALA A 163 -10.62 7.47 4.86
C ALA A 163 -9.82 6.25 5.28
N LEU A 164 -9.33 5.48 4.32
CA LEU A 164 -8.59 4.26 4.61
C LEU A 164 -7.33 4.42 5.46
N GLN A 165 -6.67 5.58 5.37
CA GLN A 165 -5.46 5.81 6.15
C GLN A 165 -5.69 5.82 7.66
N ALA A 166 -6.95 5.83 8.07
CA ALA A 166 -7.29 5.85 9.49
C ALA A 166 -7.72 4.48 10.00
N ILE A 167 -7.86 3.52 9.10
CA ILE A 167 -8.26 2.17 9.48
C ILE A 167 -7.38 1.16 8.75
N LYS A 168 -6.08 1.44 8.71
CA LYS A 168 -5.10 0.60 8.03
C LYS A 168 -5.02 -0.84 8.52
N THR A 169 -5.13 -1.05 9.82
CA THR A 169 -5.02 -2.41 10.37
C THR A 169 -6.34 -2.99 10.86
N LYS A 170 -6.38 -4.33 10.94
CA LYS A 170 -7.55 -5.07 11.37
C LYS A 170 -8.16 -4.57 12.67
N GLY A 171 -9.48 -4.41 12.66
CA GLY A 171 -10.17 -3.97 13.86
C GLY A 171 -10.28 -2.48 14.03
N LYS A 172 -9.53 -1.70 13.26
CA LYS A 172 -9.62 -0.26 13.39
C LYS A 172 -10.93 0.23 12.80
N ARG A 173 -11.44 1.32 13.34
CA ARG A 173 -12.69 1.90 12.86
C ARG A 173 -12.67 3.40 13.10
N ALA A 174 -13.40 4.12 12.28
CA ALA A 174 -13.46 5.57 12.41
C ALA A 174 -14.76 6.09 11.85
N PRO A 175 -15.23 7.23 12.38
CA PRO A 175 -16.48 7.76 11.85
C PRO A 175 -16.34 8.07 10.36
N PHE A 176 -17.43 7.87 9.63
CA PHE A 176 -17.46 8.12 8.19
C PHE A 176 -18.85 8.70 8.02
N THR A 177 -18.94 10.03 7.93
CA THR A 177 -20.23 10.68 7.83
C THR A 177 -20.47 11.51 6.59
N ASN A 178 -21.70 11.97 6.44
CA ASN A 178 -22.11 12.82 5.33
C ASN A 178 -21.68 12.26 3.98
N PHE A 179 -22.27 11.12 3.59
CA PHE A 179 -21.95 10.51 2.31
C PHE A 179 -23.14 9.72 1.76
N ASP A 180 -23.50 10.02 0.51
CA ASP A 180 -24.59 9.37 -0.18
C ASP A 180 -23.95 8.41 -1.18
N PRO A 181 -24.00 7.09 -0.91
CA PRO A 181 -23.41 6.08 -1.80
C PRO A 181 -24.08 5.89 -3.16
N SER A 182 -25.20 6.56 -3.40
CA SER A 182 -25.86 6.43 -4.70
C SER A 182 -25.02 7.17 -5.73
N THR A 183 -24.09 7.98 -5.23
CA THR A 183 -23.18 8.75 -6.10
C THR A 183 -22.15 7.81 -6.70
N LEU A 184 -22.08 6.58 -6.19
CA LEU A 184 -21.13 5.58 -6.68
C LEU A 184 -21.75 4.67 -7.74
N LEU A 185 -23.07 4.75 -7.90
CA LEU A 185 -23.78 3.90 -8.85
C LEU A 185 -23.66 4.42 -10.28
N PRO A 186 -23.75 3.51 -11.27
CA PRO A 186 -23.64 3.94 -12.67
C PRO A 186 -24.85 4.78 -13.07
N SER A 187 -24.72 5.50 -14.18
CA SER A 187 -25.78 6.36 -14.70
C SER A 187 -27.06 5.59 -14.97
N SER A 188 -26.92 4.45 -15.66
CA SER A 188 -28.06 3.61 -15.98
C SER A 188 -28.21 2.58 -14.87
N LEU A 189 -29.45 2.30 -14.50
CA LEU A 189 -29.70 1.31 -13.46
C LEU A 189 -30.34 0.05 -14.02
N ASP A 190 -30.15 -0.20 -15.31
CA ASP A 190 -30.68 -1.43 -15.92
C ASP A 190 -29.98 -2.52 -15.13
N PHE A 191 -30.70 -3.60 -14.81
CA PHE A 191 -30.10 -4.64 -13.99
C PHE A 191 -30.54 -6.06 -14.29
N TRP A 192 -29.83 -6.98 -13.67
CA TRP A 192 -30.11 -8.41 -13.72
C TRP A 192 -30.46 -8.72 -12.25
N THR A 193 -31.34 -9.67 -12.02
CA THR A 193 -31.67 -10.00 -10.64
C THR A 193 -31.91 -11.50 -10.52
N TYR A 194 -31.42 -12.07 -9.43
CA TYR A 194 -31.58 -13.49 -9.17
C TYR A 194 -31.52 -13.71 -7.66
N PRO A 195 -32.12 -14.82 -7.18
CA PRO A 195 -32.10 -15.15 -5.75
C PRO A 195 -30.76 -15.77 -5.38
N GLY A 196 -30.06 -15.16 -4.43
CA GLY A 196 -28.75 -15.67 -4.05
C GLY A 196 -28.42 -15.63 -2.57
N SER A 197 -27.14 -15.45 -2.27
CA SER A 197 -26.72 -15.44 -0.87
C SER A 197 -25.63 -14.43 -0.57
N LEU A 198 -25.20 -14.43 0.68
CA LEU A 198 -24.10 -13.57 1.10
C LEU A 198 -22.91 -14.30 0.47
N THR A 199 -21.89 -13.55 0.05
CA THR A 199 -20.73 -14.20 -0.57
C THR A 199 -19.60 -14.43 0.43
N HIS A 200 -19.92 -14.27 1.70
CA HIS A 200 -18.95 -14.46 2.79
C HIS A 200 -19.74 -15.11 3.93
N PRO A 201 -19.08 -15.94 4.75
CA PRO A 201 -19.79 -16.59 5.85
C PRO A 201 -20.62 -15.56 6.63
N PRO A 202 -21.78 -15.96 7.18
CA PRO A 202 -22.41 -17.30 7.18
C PRO A 202 -23.02 -17.77 5.86
N LEU A 203 -22.87 -16.99 4.80
CA LEU A 203 -23.39 -17.38 3.49
C LEU A 203 -24.90 -17.63 3.39
N TYR A 204 -25.69 -16.97 4.23
CA TYR A 204 -27.14 -17.16 4.20
C TYR A 204 -27.70 -16.88 2.80
N GLU A 205 -28.65 -17.70 2.38
CA GLU A 205 -29.29 -17.54 1.07
C GLU A 205 -30.51 -16.67 1.30
N SER A 206 -30.23 -15.42 1.68
CA SER A 206 -31.25 -14.44 2.00
C SER A 206 -31.15 -13.18 1.13
N VAL A 207 -30.33 -13.24 0.09
CA VAL A 207 -30.14 -12.08 -0.76
C VAL A 207 -30.77 -12.09 -2.14
N THR A 208 -31.48 -11.01 -2.44
CA THR A 208 -32.05 -10.82 -3.77
C THR A 208 -31.02 -9.89 -4.40
N TRP A 209 -30.27 -10.40 -5.36
CA TRP A 209 -29.25 -9.61 -6.00
C TRP A 209 -29.73 -8.71 -7.13
N ILE A 210 -29.17 -7.51 -7.19
CA ILE A 210 -29.48 -6.54 -8.23
C ILE A 210 -28.12 -6.18 -8.82
N ILE A 211 -27.81 -6.75 -9.98
CA ILE A 211 -26.53 -6.50 -10.65
C ILE A 211 -26.73 -5.50 -11.78
N CYS A 212 -25.98 -4.41 -11.74
CA CYS A 212 -26.08 -3.39 -12.77
C CYS A 212 -25.41 -3.85 -14.05
N LYS A 213 -26.00 -3.53 -15.19
CA LYS A 213 -25.41 -3.95 -16.45
C LYS A 213 -24.26 -3.00 -16.80
N GLU A 214 -24.37 -1.76 -16.35
CA GLU A 214 -23.35 -0.74 -16.60
C GLU A 214 -22.28 -0.80 -15.51
N SER A 215 -21.01 -0.75 -15.90
CA SER A 215 -19.93 -0.79 -14.92
C SER A 215 -19.53 0.64 -14.54
N ILE A 216 -18.67 0.76 -13.53
CA ILE A 216 -18.16 2.06 -13.12
C ILE A 216 -16.66 1.88 -13.22
N SER A 217 -15.91 2.97 -13.34
CA SER A 217 -14.47 2.84 -13.46
C SER A 217 -13.72 2.89 -12.14
N VAL A 218 -12.45 2.52 -12.21
CA VAL A 218 -11.53 2.53 -11.08
C VAL A 218 -10.16 2.44 -11.72
N SER A 219 -9.21 3.24 -11.24
CA SER A 219 -7.86 3.23 -11.80
C SER A 219 -7.02 2.15 -11.15
N SER A 220 -5.92 1.79 -11.82
CA SER A 220 -5.01 0.78 -11.29
C SER A 220 -4.44 1.21 -9.94
N GLU A 221 -4.24 2.52 -9.77
CA GLU A 221 -3.70 3.02 -8.51
C GLU A 221 -4.75 2.98 -7.41
N GLN A 222 -6.00 3.23 -7.76
CA GLN A 222 -7.06 3.19 -6.76
C GLN A 222 -7.21 1.77 -6.23
N LEU A 223 -7.08 0.78 -7.12
CA LEU A 223 -7.15 -0.62 -6.71
C LEU A 223 -6.00 -0.91 -5.75
N ALA A 224 -4.83 -0.36 -6.06
CA ALA A 224 -3.63 -0.53 -5.24
C ALA A 224 -3.91 -0.10 -3.80
N GLN A 225 -4.66 0.98 -3.65
CA GLN A 225 -5.02 1.49 -2.33
C GLN A 225 -5.79 0.44 -1.55
N PHE A 226 -6.75 -0.21 -2.21
CA PHE A 226 -7.53 -1.28 -1.56
C PHE A 226 -6.56 -2.36 -1.08
N ARG A 227 -5.70 -2.82 -1.99
CA ARG A 227 -4.73 -3.87 -1.68
C ARG A 227 -3.68 -3.46 -0.65
N SER A 228 -3.54 -2.17 -0.41
CA SER A 228 -2.53 -1.71 0.56
C SER A 228 -3.09 -1.75 1.98
N LEU A 229 -4.38 -2.04 2.10
CA LEU A 229 -5.00 -2.13 3.40
C LEU A 229 -4.41 -3.39 4.05
N LEU A 230 -4.22 -3.37 5.36
CA LEU A 230 -3.61 -4.52 6.05
C LEU A 230 -4.60 -5.41 6.80
N SER A 231 -4.37 -6.71 6.74
CA SER A 231 -5.23 -7.69 7.40
C SER A 231 -4.75 -8.05 8.80
N ASN A 232 -3.60 -7.50 9.19
CA ASN A 232 -3.02 -7.78 10.50
C ASN A 232 -3.39 -6.71 11.51
N VAL A 233 -3.19 -7.01 12.79
CA VAL A 233 -3.48 -6.05 13.84
C VAL A 233 -2.28 -5.13 13.99
N GLU A 234 -2.53 -3.89 14.41
CA GLU A 234 -1.45 -2.92 14.57
C GLU A 234 -0.30 -3.48 15.38
N GLY A 235 0.93 -3.30 14.89
CA GLY A 235 2.08 -3.80 15.61
C GLY A 235 2.71 -5.04 14.98
N ASP A 236 1.88 -5.90 14.41
CA ASP A 236 2.38 -7.11 13.76
C ASP A 236 2.97 -6.79 12.40
N ASN A 237 3.64 -7.76 11.78
CA ASN A 237 4.22 -7.54 10.48
C ASN A 237 3.08 -7.28 9.48
N ALA A 238 3.23 -6.23 8.70
CA ALA A 238 2.22 -5.85 7.72
C ALA A 238 1.91 -6.95 6.72
N VAL A 239 0.63 -7.29 6.59
CA VAL A 239 0.17 -8.31 5.66
C VAL A 239 -0.98 -7.71 4.84
N PRO A 240 -0.67 -7.21 3.63
CA PRO A 240 -1.65 -6.58 2.73
C PRO A 240 -2.85 -7.45 2.35
N MET A 241 -3.98 -6.80 2.13
CA MET A 241 -5.20 -7.48 1.72
C MET A 241 -5.14 -7.57 0.20
N GLN A 242 -4.59 -8.66 -0.31
CA GLN A 242 -4.46 -8.80 -1.76
C GLN A 242 -5.72 -9.12 -2.54
N HIS A 243 -6.66 -9.86 -1.93
CA HIS A 243 -7.89 -10.22 -2.62
C HIS A 243 -8.95 -10.76 -1.66
N ASN A 244 -10.21 -10.59 -2.02
CA ASN A 244 -11.31 -11.05 -1.17
C ASN A 244 -12.56 -11.36 -1.97
N ASN A 245 -12.39 -11.85 -3.20
CA ASN A 245 -13.55 -12.19 -4.01
C ASN A 245 -13.75 -13.71 -4.05
N ARG A 246 -14.99 -14.13 -3.87
CA ARG A 246 -15.34 -15.56 -3.88
C ARG A 246 -15.60 -16.01 -5.30
N PRO A 247 -15.20 -17.25 -5.64
CA PRO A 247 -15.40 -17.80 -6.99
C PRO A 247 -16.88 -17.86 -7.31
N THR A 248 -17.23 -17.82 -8.60
CA THR A 248 -18.63 -17.90 -8.98
C THR A 248 -19.16 -19.28 -8.63
N GLN A 249 -20.45 -19.36 -8.31
CA GLN A 249 -21.06 -20.62 -7.90
C GLN A 249 -22.13 -21.09 -8.89
N PRO A 250 -22.46 -22.39 -8.86
CA PRO A 250 -23.46 -23.02 -9.73
C PRO A 250 -24.86 -22.42 -9.60
N LEU A 251 -25.50 -22.14 -10.73
CA LEU A 251 -26.85 -21.57 -10.71
C LEU A 251 -27.86 -22.60 -10.21
N LYS A 252 -27.61 -23.86 -10.51
CA LYS A 252 -28.48 -24.96 -10.10
C LYS A 252 -29.97 -24.71 -10.37
N GLY A 253 -30.30 -24.36 -11.60
CA GLY A 253 -31.69 -24.15 -11.97
C GLY A 253 -32.21 -22.74 -11.87
N ARG A 254 -31.57 -21.91 -11.07
CA ARG A 254 -31.99 -20.52 -10.91
C ARG A 254 -32.03 -19.77 -12.23
N THR A 255 -32.97 -18.84 -12.34
CA THR A 255 -33.09 -18.04 -13.55
C THR A 255 -32.67 -16.61 -13.23
N VAL A 256 -31.79 -16.06 -14.07
CA VAL A 256 -31.35 -14.69 -13.89
C VAL A 256 -32.24 -13.82 -14.78
N ARG A 257 -32.98 -12.92 -14.15
CA ARG A 257 -33.88 -12.04 -14.90
C ARG A 257 -33.22 -10.73 -15.26
N ALA A 258 -33.64 -10.16 -16.38
CA ALA A 258 -33.10 -8.89 -16.85
C ALA A 258 -34.22 -7.86 -16.94
N SER A 259 -33.93 -6.64 -16.49
CA SER A 259 -34.93 -5.57 -16.52
C SER A 259 -34.90 -4.88 -17.88
N PHE A 260 -34.04 -5.37 -18.76
CA PHE A 260 -33.87 -4.81 -20.09
C PHE A 260 -33.68 -5.93 -21.10
N TRP B 5 17.88 -1.68 -13.89
CA TRP B 5 18.32 -2.44 -12.69
C TRP B 5 17.28 -2.44 -11.58
N GLY B 6 17.29 -3.48 -10.76
CA GLY B 6 16.35 -3.58 -9.67
C GLY B 6 16.79 -4.54 -8.60
N TYR B 7 15.84 -5.11 -7.87
CA TYR B 7 16.15 -6.07 -6.81
C TYR B 7 15.41 -7.39 -7.00
N ASP B 8 14.88 -7.60 -8.20
CA ASP B 8 14.14 -8.82 -8.51
C ASP B 8 15.08 -9.99 -8.76
N ASP B 9 14.51 -11.15 -9.08
CA ASP B 9 15.30 -12.34 -9.36
C ASP B 9 16.05 -12.20 -10.69
N LYS B 10 15.55 -11.33 -11.56
CA LYS B 10 16.14 -11.13 -12.88
C LYS B 10 17.24 -10.07 -12.93
N ASN B 11 16.96 -8.90 -12.37
CA ASN B 11 17.90 -7.79 -12.37
C ASN B 11 18.37 -7.35 -10.99
N GLY B 12 18.37 -8.28 -10.04
CA GLY B 12 18.80 -7.95 -8.68
C GLY B 12 20.29 -7.77 -8.49
N PRO B 13 20.75 -7.56 -7.24
CA PRO B 13 22.16 -7.37 -6.88
C PRO B 13 23.12 -8.38 -7.49
N GLU B 14 22.69 -9.64 -7.55
CA GLU B 14 23.51 -10.71 -8.09
C GLU B 14 23.82 -10.53 -9.58
N GLN B 15 22.86 -9.98 -10.32
CA GLN B 15 23.03 -9.76 -11.75
C GLN B 15 23.66 -8.41 -12.12
N TRP B 16 23.89 -7.57 -11.11
CA TRP B 16 24.47 -6.24 -11.35
C TRP B 16 25.87 -6.29 -11.95
N SER B 17 26.67 -7.28 -11.55
CA SER B 17 28.04 -7.40 -12.04
C SER B 17 28.13 -7.47 -13.58
N LYS B 18 27.11 -8.03 -14.22
CA LYS B 18 27.09 -8.16 -15.66
C LYS B 18 27.24 -6.80 -16.33
N LEU B 19 26.46 -5.83 -15.85
CA LEU B 19 26.49 -4.49 -16.39
C LEU B 19 27.48 -3.58 -15.67
N TYR B 20 27.72 -3.85 -14.39
CA TYR B 20 28.66 -3.05 -13.62
C TYR B 20 29.67 -3.93 -12.89
N PRO B 21 30.79 -4.27 -13.55
CA PRO B 21 31.86 -5.12 -13.01
C PRO B 21 32.39 -4.68 -11.65
N ILE B 22 32.32 -3.37 -11.37
CA ILE B 22 32.82 -2.85 -10.10
C ILE B 22 32.06 -3.44 -8.91
N ALA B 23 30.92 -4.08 -9.19
CA ALA B 23 30.12 -4.70 -8.15
C ALA B 23 30.90 -5.76 -7.39
N ASN B 24 32.01 -6.20 -8.00
CA ASN B 24 32.88 -7.21 -7.42
C ASN B 24 34.19 -6.55 -7.00
N GLY B 25 34.14 -5.24 -6.77
CA GLY B 25 35.31 -4.48 -6.38
C GLY B 25 35.82 -4.71 -4.98
N ASN B 26 36.80 -3.90 -4.56
CA ASN B 26 37.40 -4.01 -3.25
C ASN B 26 36.87 -3.02 -2.22
N ASN B 27 36.04 -2.08 -2.67
CA ASN B 27 35.46 -1.09 -1.77
C ASN B 27 33.96 -0.98 -1.96
N GLN B 28 33.29 -2.13 -2.00
CA GLN B 28 31.85 -2.17 -2.19
C GLN B 28 31.07 -2.09 -0.88
N SER B 29 29.86 -1.54 -0.96
CA SER B 29 28.99 -1.37 0.21
C SER B 29 27.61 -1.96 -0.09
N PRO B 30 26.82 -2.28 0.94
CA PRO B 30 27.13 -2.13 2.36
C PRO B 30 28.02 -3.25 2.88
N VAL B 31 28.34 -3.21 4.16
CA VAL B 31 29.16 -4.22 4.79
C VAL B 31 28.66 -4.49 6.20
N ASP B 32 29.11 -5.58 6.78
CA ASP B 32 28.74 -5.92 8.14
C ASP B 32 29.80 -5.26 9.02
N ILE B 33 29.37 -4.65 10.11
CA ILE B 33 30.34 -4.02 10.98
C ILE B 33 30.53 -4.92 12.20
N LYS B 34 31.71 -5.51 12.31
CA LYS B 34 32.01 -6.37 13.45
C LYS B 34 32.65 -5.50 14.51
N THR B 35 31.88 -5.18 15.54
CA THR B 35 32.34 -4.33 16.62
C THR B 35 33.65 -4.73 17.27
N SER B 36 33.98 -6.02 17.23
CA SER B 36 35.23 -6.50 17.83
C SER B 36 36.43 -6.26 16.94
N GLU B 37 36.19 -5.90 15.68
CA GLU B 37 37.25 -5.65 14.73
C GLU B 37 37.42 -4.17 14.38
N THR B 38 36.54 -3.33 14.88
CA THR B 38 36.63 -1.90 14.58
C THR B 38 37.83 -1.29 15.32
N LYS B 39 38.36 -0.22 14.76
CA LYS B 39 39.52 0.45 15.35
C LYS B 39 39.21 1.90 15.70
N HIS B 40 39.49 2.31 16.93
CA HIS B 40 39.25 3.68 17.33
C HIS B 40 40.35 4.60 16.81
N ASP B 41 39.93 5.60 16.05
CA ASP B 41 40.84 6.57 15.45
C ASP B 41 40.67 7.91 16.19
N THR B 42 41.72 8.36 16.86
CA THR B 42 41.68 9.60 17.61
C THR B 42 41.58 10.83 16.71
N SER B 43 41.87 10.66 15.43
CA SER B 43 41.80 11.80 14.51
C SER B 43 40.38 12.07 14.01
N LEU B 44 39.45 11.19 14.36
CA LEU B 44 38.06 11.37 13.94
C LEU B 44 37.34 12.40 14.82
N LYS B 45 36.99 13.54 14.22
CA LYS B 45 36.28 14.60 14.94
C LYS B 45 34.80 14.30 15.01
N PRO B 46 34.05 15.05 15.84
CA PRO B 46 32.62 14.80 15.94
C PRO B 46 32.00 15.22 14.60
N ILE B 47 30.90 14.59 14.22
CA ILE B 47 30.26 14.96 12.97
C ILE B 47 29.37 16.17 13.21
N SER B 48 29.38 17.11 12.27
CA SER B 48 28.58 18.32 12.41
C SER B 48 27.73 18.55 11.16
N VAL B 49 26.42 18.54 11.34
CA VAL B 49 25.52 18.78 10.21
C VAL B 49 24.69 20.02 10.50
N SER B 50 24.53 20.85 9.47
CA SER B 50 23.73 22.06 9.58
C SER B 50 23.01 22.21 8.25
N TYR B 51 21.74 21.84 8.25
CA TYR B 51 20.90 21.90 7.05
C TYR B 51 19.84 22.99 7.12
N ASN B 52 19.72 23.75 6.04
CA ASN B 52 18.73 24.81 5.95
C ASN B 52 17.49 24.16 5.37
N PRO B 53 16.38 24.12 6.13
CA PRO B 53 15.13 23.51 5.66
C PRO B 53 14.61 24.07 4.34
N ALA B 54 15.12 25.24 3.95
CA ALA B 54 14.69 25.86 2.69
C ALA B 54 15.32 25.19 1.48
N THR B 55 16.34 24.35 1.70
CA THR B 55 16.98 23.67 0.59
C THR B 55 16.20 22.45 0.11
N ALA B 56 15.21 22.01 0.89
CA ALA B 56 14.41 20.87 0.49
C ALA B 56 13.76 21.26 -0.83
N LYS B 57 13.84 20.39 -1.84
CA LYS B 57 13.30 20.71 -3.16
C LYS B 57 12.15 19.84 -3.65
N GLU B 58 12.40 18.55 -3.83
CA GLU B 58 11.35 17.66 -4.32
C GLU B 58 11.54 16.20 -3.96
N ILE B 59 10.49 15.41 -4.14
CA ILE B 59 10.51 13.99 -3.85
C ILE B 59 10.18 13.25 -5.16
N ILE B 60 10.91 12.17 -5.44
CA ILE B 60 10.74 11.44 -6.69
C ILE B 60 10.66 9.93 -6.54
N ASN B 61 9.75 9.32 -7.28
CA ASN B 61 9.60 7.87 -7.27
C ASN B 61 10.53 7.38 -8.38
N VAL B 62 11.56 6.63 -8.03
CA VAL B 62 12.47 6.14 -9.05
C VAL B 62 12.30 4.66 -9.41
N GLY B 63 11.11 4.12 -9.16
CA GLY B 63 10.85 2.73 -9.51
C GLY B 63 11.23 1.69 -8.47
N HIS B 64 12.50 1.67 -8.07
CA HIS B 64 12.98 0.72 -7.08
C HIS B 64 12.95 1.34 -5.68
N SER B 65 12.76 2.65 -5.63
CA SER B 65 12.72 3.36 -4.36
C SER B 65 12.22 4.77 -4.62
N PHE B 66 12.49 5.67 -3.69
CA PHE B 66 12.10 7.06 -3.86
C PHE B 66 13.14 7.87 -3.12
N HIS B 67 13.32 9.13 -3.52
CA HIS B 67 14.29 9.96 -2.82
C HIS B 67 13.90 11.43 -2.80
N VAL B 68 14.42 12.14 -1.79
CA VAL B 68 14.15 13.55 -1.62
C VAL B 68 15.40 14.34 -1.97
N ASN B 69 15.30 15.18 -2.98
CA ASN B 69 16.43 15.98 -3.43
C ASN B 69 16.41 17.36 -2.80
N PHE B 70 17.61 17.92 -2.63
CA PHE B 70 17.78 19.24 -2.05
C PHE B 70 18.54 20.12 -3.03
N GLU B 71 18.30 21.42 -2.98
CA GLU B 71 18.99 22.37 -3.83
C GLU B 71 20.44 22.32 -3.37
N ASP B 72 21.37 22.14 -4.30
CA ASP B 72 22.78 22.07 -3.95
C ASP B 72 23.62 23.08 -4.71
N ASN B 73 23.07 24.28 -4.91
CA ASN B 73 23.78 25.33 -5.63
C ASN B 73 24.78 26.05 -4.73
N ASP B 74 24.54 26.02 -3.42
CA ASP B 74 25.43 26.66 -2.44
C ASP B 74 25.59 25.79 -1.19
N ASN B 75 26.30 26.31 -0.21
CA ASN B 75 26.54 25.57 1.03
C ASN B 75 25.62 25.92 2.19
N ARG B 76 24.33 26.02 1.92
CA ARG B 76 23.38 26.33 2.98
C ARG B 76 23.18 25.09 3.86
N SER B 77 23.37 23.92 3.26
CA SER B 77 23.22 22.64 3.95
C SER B 77 24.48 21.80 3.77
N VAL B 78 25.28 21.67 4.82
CA VAL B 78 26.53 20.94 4.73
C VAL B 78 26.84 19.99 5.89
N LEU B 79 27.72 19.05 5.60
CA LEU B 79 28.19 18.06 6.57
C LEU B 79 29.70 18.27 6.72
N LYS B 80 30.18 18.23 7.96
CA LYS B 80 31.62 18.37 8.18
C LYS B 80 32.03 17.69 9.47
N GLY B 81 33.33 17.61 9.70
CA GLY B 81 33.82 16.96 10.90
C GLY B 81 34.11 15.51 10.57
N GLY B 82 34.05 14.65 11.57
CA GLY B 82 34.32 13.24 11.33
C GLY B 82 35.68 13.05 10.69
N PRO B 83 35.76 12.26 9.60
CA PRO B 83 37.04 12.02 8.91
C PRO B 83 37.29 13.00 7.77
N PHE B 84 36.48 14.06 7.71
CA PHE B 84 36.60 15.03 6.62
C PHE B 84 37.32 16.33 6.94
N SER B 85 38.10 16.81 5.97
CA SER B 85 38.78 18.09 6.11
C SER B 85 37.91 19.04 5.31
N ASP B 86 37.28 18.52 4.26
CA ASP B 86 36.43 19.33 3.38
C ASP B 86 34.99 19.34 3.87
N SER B 87 34.21 20.30 3.37
CA SER B 87 32.81 20.39 3.73
C SER B 87 32.06 19.65 2.62
N TYR B 88 30.99 18.94 2.97
CA TYR B 88 30.20 18.22 1.98
C TYR B 88 28.78 18.77 1.92
N ARG B 89 28.30 19.00 0.71
CA ARG B 89 26.98 19.56 0.46
C ARG B 89 25.85 18.53 0.39
N LEU B 90 24.83 18.72 1.22
CA LEU B 90 23.67 17.83 1.25
C LEU B 90 22.96 17.91 -0.09
N PHE B 91 22.54 16.76 -0.64
CA PHE B 91 21.81 16.80 -1.90
C PHE B 91 20.67 15.80 -1.95
N GLN B 92 20.64 14.85 -1.01
CA GLN B 92 19.57 13.86 -1.04
C GLN B 92 19.52 12.94 0.18
N PHE B 93 18.36 12.33 0.39
CA PHE B 93 18.20 11.33 1.44
C PHE B 93 17.11 10.40 0.95
N HIS B 94 17.25 9.12 1.28
CA HIS B 94 16.29 8.11 0.87
C HIS B 94 16.37 6.99 1.89
N PHE B 95 15.55 5.96 1.72
CA PHE B 95 15.53 4.84 2.64
C PHE B 95 15.67 3.52 1.88
N HIS B 96 16.01 2.47 2.62
CA HIS B 96 16.10 1.11 2.10
C HIS B 96 15.27 0.31 3.08
N TRP B 97 14.55 -0.70 2.59
CA TRP B 97 13.73 -1.55 3.45
C TRP B 97 13.64 -2.94 2.85
N GLY B 98 13.10 -3.88 3.62
CA GLY B 98 12.98 -5.24 3.15
C GLY B 98 11.53 -5.70 3.00
N SER B 99 11.35 -6.95 2.59
CA SER B 99 10.01 -7.50 2.38
C SER B 99 9.26 -7.65 3.71
N THR B 100 10.00 -7.90 4.78
CA THR B 100 9.41 -8.04 6.11
C THR B 100 10.19 -7.14 7.06
N ASN B 101 9.76 -7.10 8.33
CA ASN B 101 10.42 -6.28 9.33
C ASN B 101 11.75 -6.88 9.82
N GLU B 102 11.91 -8.19 9.65
CA GLU B 102 13.12 -8.88 10.09
C GLU B 102 14.38 -8.51 9.34
N HIS B 103 14.22 -7.83 8.20
CA HIS B 103 15.37 -7.41 7.41
C HIS B 103 14.96 -6.22 6.58
N GLY B 104 15.94 -5.42 6.17
CA GLY B 104 15.62 -4.26 5.36
C GLY B 104 16.79 -3.29 5.32
N SER B 105 17.58 -3.28 6.39
CA SER B 105 18.74 -2.39 6.43
C SER B 105 19.76 -2.93 5.45
N GLU B 106 20.70 -2.08 5.05
CA GLU B 106 21.74 -2.51 4.15
C GLU B 106 22.94 -2.89 4.99
N HIS B 107 23.38 -1.97 5.85
CA HIS B 107 24.50 -2.30 6.73
C HIS B 107 23.97 -3.18 7.86
N THR B 108 24.85 -3.97 8.46
CA THR B 108 24.49 -4.81 9.58
C THR B 108 25.57 -4.62 10.63
N VAL B 109 25.25 -4.90 11.89
CA VAL B 109 26.21 -4.75 12.96
C VAL B 109 26.28 -6.07 13.70
N ASP B 110 27.45 -6.70 13.65
CA ASP B 110 27.64 -8.00 14.27
C ASP B 110 26.60 -9.00 13.76
N GLY B 111 26.31 -8.93 12.46
CA GLY B 111 25.36 -9.84 11.85
C GLY B 111 23.89 -9.50 12.00
N VAL B 112 23.57 -8.57 12.89
CA VAL B 112 22.17 -8.20 13.13
C VAL B 112 21.65 -7.30 12.01
N LYS B 113 20.55 -7.72 11.41
CA LYS B 113 19.92 -6.96 10.34
C LYS B 113 18.78 -6.17 10.94
N TYR B 114 18.66 -4.90 10.55
CA TYR B 114 17.59 -4.05 11.04
C TYR B 114 16.46 -4.00 10.03
N SER B 115 15.35 -3.35 10.39
CA SER B 115 14.19 -3.27 9.52
C SER B 115 14.35 -2.38 8.30
N ALA B 116 15.03 -1.25 8.46
CA ALA B 116 15.24 -0.31 7.37
C ALA B 116 16.51 0.48 7.60
N GLU B 117 16.81 1.39 6.68
CA GLU B 117 18.00 2.22 6.82
C GLU B 117 17.83 3.55 6.09
N LEU B 118 18.23 4.61 6.74
CA LEU B 118 18.14 5.96 6.17
C LEU B 118 19.51 6.34 5.65
N HIS B 119 19.57 6.90 4.45
CA HIS B 119 20.84 7.32 3.87
C HIS B 119 20.73 8.81 3.53
N VAL B 120 21.63 9.63 4.09
CA VAL B 120 21.64 11.07 3.83
C VAL B 120 22.94 11.33 3.07
N ALA B 121 22.82 11.67 1.80
CA ALA B 121 23.97 11.88 0.93
C ALA B 121 24.45 13.32 0.71
N HIS B 122 25.77 13.47 0.58
CA HIS B 122 26.42 14.76 0.37
C HIS B 122 27.55 14.59 -0.64
N TRP B 123 27.95 15.69 -1.29
CA TRP B 123 29.07 15.63 -2.21
C TRP B 123 30.12 16.70 -1.88
N ASN B 124 31.37 16.40 -2.18
CA ASN B 124 32.50 17.28 -1.87
C ASN B 124 32.52 18.58 -2.68
N SER B 125 31.94 19.65 -2.13
CA SER B 125 31.90 20.93 -2.83
C SER B 125 33.15 21.76 -2.62
N ALA B 126 34.09 21.23 -1.82
CA ALA B 126 35.34 21.93 -1.58
C ALA B 126 36.29 21.68 -2.75
N LYS B 127 36.16 20.50 -3.38
CA LYS B 127 37.03 20.14 -4.49
C LYS B 127 36.33 20.05 -5.83
N TYR B 128 35.02 19.88 -5.81
CA TYR B 128 34.27 19.77 -7.05
C TYR B 128 33.16 20.81 -7.11
N SER B 129 32.59 20.99 -8.30
CA SER B 129 31.55 21.99 -8.48
C SER B 129 30.17 21.40 -8.79
N SER B 130 30.05 20.08 -8.74
CA SER B 130 28.77 19.44 -9.01
C SER B 130 28.77 17.99 -8.57
N LEU B 131 27.58 17.46 -8.33
CA LEU B 131 27.41 16.07 -7.94
C LEU B 131 27.94 15.19 -9.06
N ALA B 132 27.57 15.54 -10.30
CA ALA B 132 28.00 14.80 -11.49
C ALA B 132 29.51 14.58 -11.50
N GLU B 133 30.27 15.62 -11.16
CA GLU B 133 31.73 15.52 -11.15
C GLU B 133 32.23 14.70 -9.96
N ALA B 134 31.77 15.04 -8.76
CA ALA B 134 32.19 14.37 -7.55
C ALA B 134 31.71 12.91 -7.42
N ALA B 135 30.62 12.59 -8.09
CA ALA B 135 30.04 11.25 -8.01
C ALA B 135 30.97 10.06 -8.25
N SER B 136 31.99 10.24 -9.09
CA SER B 136 32.91 9.15 -9.38
C SER B 136 34.26 9.28 -8.68
N LYS B 137 34.44 10.35 -7.92
CA LYS B 137 35.70 10.58 -7.21
C LYS B 137 35.74 9.83 -5.87
N ALA B 138 36.88 9.19 -5.59
CA ALA B 138 37.05 8.42 -4.35
C ALA B 138 36.67 9.21 -3.10
N ASP B 139 36.94 10.51 -3.12
CA ASP B 139 36.64 11.38 -1.98
C ASP B 139 35.49 12.33 -2.33
N GLY B 140 34.69 11.96 -3.32
CA GLY B 140 33.60 12.82 -3.74
C GLY B 140 32.28 12.76 -2.98
N LEU B 141 31.97 11.62 -2.39
CA LEU B 141 30.70 11.47 -1.68
C LEU B 141 30.83 11.08 -0.21
N ALA B 142 29.88 11.53 0.59
CA ALA B 142 29.83 11.26 2.02
C ALA B 142 28.38 10.95 2.35
N VAL B 143 28.11 9.74 2.83
CA VAL B 143 26.75 9.36 3.15
C VAL B 143 26.62 8.89 4.59
N ILE B 144 25.66 9.48 5.30
CA ILE B 144 25.38 9.11 6.68
C ILE B 144 24.34 7.99 6.63
N GLY B 145 24.59 6.90 7.34
CA GLY B 145 23.63 5.82 7.36
C GLY B 145 23.08 5.66 8.78
N VAL B 146 21.76 5.53 8.89
CA VAL B 146 21.11 5.35 10.19
C VAL B 146 20.26 4.09 10.16
N LEU B 147 20.56 3.16 11.07
CA LEU B 147 19.82 1.91 11.15
C LEU B 147 18.45 2.21 11.77
N MET B 148 17.40 1.63 11.19
CA MET B 148 16.05 1.85 11.70
C MET B 148 15.48 0.57 12.31
N LYS B 149 15.19 0.63 13.60
CA LYS B 149 14.67 -0.51 14.36
C LYS B 149 13.15 -0.44 14.53
N VAL B 150 12.47 -1.49 14.09
CA VAL B 150 11.02 -1.56 14.17
C VAL B 150 10.55 -1.51 15.63
N GLY B 151 9.53 -0.71 15.87
CA GLY B 151 8.99 -0.54 17.20
C GLY B 151 7.97 0.57 17.18
N GLU B 152 8.19 1.59 18.01
CA GLU B 152 7.29 2.74 18.09
C GLU B 152 7.32 3.56 16.80
N ALA B 153 6.17 4.14 16.45
CA ALA B 153 6.07 4.96 15.26
C ALA B 153 7.02 6.14 15.42
N ASN B 154 7.66 6.54 14.33
CA ASN B 154 8.59 7.66 14.35
C ASN B 154 7.90 8.87 13.73
N PRO B 155 7.49 9.84 14.57
CA PRO B 155 6.81 11.04 14.07
C PRO B 155 7.66 11.94 13.18
N LYS B 156 8.97 11.76 13.22
CA LYS B 156 9.86 12.56 12.38
C LYS B 156 9.70 12.19 10.91
N LEU B 157 9.25 10.97 10.67
CA LEU B 157 9.03 10.45 9.31
C LEU B 157 7.72 10.91 8.70
N GLN B 158 6.87 11.52 9.52
CA GLN B 158 5.56 12.00 9.12
C GLN B 158 5.47 12.67 7.74
N LYS B 159 6.11 13.82 7.60
CA LYS B 159 6.07 14.57 6.34
C LYS B 159 6.51 13.75 5.14
N VAL B 160 7.56 12.94 5.32
CA VAL B 160 8.03 12.12 4.21
C VAL B 160 6.94 11.13 3.83
N LEU B 161 6.38 10.46 4.82
CA LEU B 161 5.33 9.48 4.57
C LEU B 161 4.06 10.10 3.97
N ASP B 162 3.68 11.29 4.44
CA ASP B 162 2.50 11.97 3.92
C ASP B 162 2.70 12.44 2.48
N ALA B 163 3.95 12.50 2.02
CA ALA B 163 4.22 12.97 0.66
C ALA B 163 4.17 11.86 -0.38
N LEU B 164 4.29 10.62 0.07
CA LEU B 164 4.29 9.48 -0.84
C LEU B 164 3.02 9.30 -1.68
N GLN B 165 1.88 9.76 -1.18
CA GLN B 165 0.63 9.63 -1.91
C GLN B 165 0.62 10.43 -3.21
N ALA B 166 1.56 11.37 -3.34
CA ALA B 166 1.63 12.19 -4.55
C ALA B 166 2.63 11.64 -5.56
N ILE B 167 3.40 10.63 -5.17
CA ILE B 167 4.38 10.03 -6.08
C ILE B 167 4.28 8.51 -6.03
N LYS B 168 3.06 8.00 -6.11
CA LYS B 168 2.80 6.56 -6.05
C LYS B 168 3.48 5.66 -7.07
N THR B 169 3.56 6.10 -8.32
CA THR B 169 4.15 5.29 -9.39
C THR B 169 5.47 5.82 -9.96
N LYS B 170 6.23 4.93 -10.60
CA LYS B 170 7.51 5.31 -11.16
C LYS B 170 7.49 6.54 -12.04
N GLY B 171 8.42 7.45 -11.77
CA GLY B 171 8.51 8.66 -12.56
C GLY B 171 7.80 9.86 -11.98
N LYS B 172 6.84 9.64 -11.09
CA LYS B 172 6.13 10.78 -10.50
C LYS B 172 7.02 11.54 -9.54
N ARG B 173 6.81 12.84 -9.47
CA ARG B 173 7.58 13.71 -8.61
C ARG B 173 6.69 14.85 -8.11
N ALA B 174 7.05 15.42 -6.97
CA ALA B 174 6.28 16.50 -6.40
C ALA B 174 7.18 17.38 -5.57
N PRO B 175 6.80 18.65 -5.39
CA PRO B 175 7.63 19.55 -4.60
C PRO B 175 7.67 19.03 -3.17
N PHE B 176 8.82 19.18 -2.52
CA PHE B 176 8.99 18.75 -1.13
C PHE B 176 9.86 19.85 -0.56
N THR B 177 9.25 20.73 0.23
CA THR B 177 9.97 21.86 0.78
C THR B 177 9.89 22.01 2.29
N ASN B 178 10.68 22.93 2.80
CA ASN B 178 10.72 23.23 4.22
C ASN B 178 10.92 21.98 5.07
N PHE B 179 12.09 21.37 4.97
CA PHE B 179 12.38 20.17 5.76
C PHE B 179 13.87 20.01 6.03
N ASP B 180 14.20 19.86 7.31
CA ASP B 180 15.58 19.66 7.76
C ASP B 180 15.73 18.17 8.12
N PRO B 181 16.41 17.40 7.26
CA PRO B 181 16.62 15.96 7.47
C PRO B 181 17.49 15.56 8.67
N SER B 182 18.17 16.52 9.28
CA SER B 182 18.99 16.21 10.46
C SER B 182 18.04 15.87 11.61
N THR B 183 16.76 16.17 11.43
CA THR B 183 15.76 15.88 12.46
C THR B 183 15.48 14.38 12.51
N LEU B 184 15.92 13.66 11.48
CA LEU B 184 15.74 12.22 11.40
C LEU B 184 16.88 11.48 12.09
N LEU B 185 17.99 12.17 12.30
CA LEU B 185 19.17 11.58 12.93
C LEU B 185 18.99 11.29 14.41
N PRO B 186 19.71 10.29 14.95
CA PRO B 186 19.60 9.97 16.38
C PRO B 186 20.23 11.11 17.19
N SER B 187 19.96 11.16 18.50
CA SER B 187 20.51 12.22 19.36
C SER B 187 22.03 12.18 19.41
N SER B 188 22.57 10.99 19.69
CA SER B 188 24.01 10.83 19.75
C SER B 188 24.51 10.53 18.35
N LEU B 189 25.60 11.19 17.96
CA LEU B 189 26.15 10.96 16.63
C LEU B 189 27.47 10.19 16.63
N ASP B 190 27.66 9.30 17.59
CA ASP B 190 28.86 8.47 17.61
C ASP B 190 28.73 7.67 16.32
N PHE B 191 29.85 7.41 15.65
CA PHE B 191 29.77 6.70 14.38
C PHE B 191 30.92 5.76 14.04
N TRP B 192 30.72 5.00 12.97
CA TRP B 192 31.71 4.11 12.42
C TRP B 192 31.91 4.68 11.02
N THR B 193 33.09 4.50 10.45
CA THR B 193 33.34 5.01 9.12
C THR B 193 34.29 4.09 8.36
N TYR B 194 34.05 3.95 7.06
CA TYR B 194 34.89 3.11 6.23
C TYR B 194 34.73 3.59 4.78
N PRO B 195 35.73 3.32 3.93
CA PRO B 195 35.67 3.73 2.53
C PRO B 195 34.80 2.73 1.78
N GLY B 196 33.77 3.21 1.10
CA GLY B 196 32.88 2.31 0.39
C GLY B 196 32.36 2.81 -0.93
N SER B 197 31.14 2.38 -1.27
CA SER B 197 30.55 2.76 -2.55
C SER B 197 29.06 2.98 -2.48
N LEU B 198 28.48 3.28 -3.64
CA LEU B 198 27.04 3.45 -3.76
C LEU B 198 26.53 2.01 -3.66
N THR B 199 25.37 1.82 -3.06
CA THR B 199 24.82 0.47 -2.92
C THR B 199 23.85 0.13 -4.05
N HIS B 200 23.79 1.02 -5.04
CA HIS B 200 22.94 0.84 -6.20
C HIS B 200 23.74 1.24 -7.43
N PRO B 201 23.50 0.59 -8.58
CA PRO B 201 24.26 0.94 -9.80
C PRO B 201 24.26 2.46 -9.96
N PRO B 202 25.34 3.05 -10.50
CA PRO B 202 26.59 2.47 -11.00
C PRO B 202 27.59 1.92 -9.98
N LEU B 203 27.19 1.85 -8.71
CA LEU B 203 28.06 1.31 -7.67
C LEU B 203 29.47 1.92 -7.55
N TYR B 204 29.61 3.20 -7.90
CA TYR B 204 30.92 3.86 -7.80
C TYR B 204 31.49 3.76 -6.39
N GLU B 205 32.79 3.49 -6.30
CA GLU B 205 33.45 3.39 -5.00
C GLU B 205 33.97 4.78 -4.66
N SER B 206 33.02 5.69 -4.45
CA SER B 206 33.30 7.08 -4.16
C SER B 206 32.72 7.57 -2.84
N VAL B 207 32.22 6.64 -2.03
CA VAL B 207 31.58 7.02 -0.77
C VAL B 207 32.34 6.74 0.52
N THR B 208 32.38 7.76 1.38
CA THR B 208 32.98 7.61 2.69
C THR B 208 31.73 7.46 3.55
N TRP B 209 31.51 6.26 4.06
CA TRP B 209 30.34 5.99 4.89
C TRP B 209 30.48 6.40 6.34
N ILE B 210 29.41 6.99 6.85
CA ILE B 210 29.33 7.43 8.23
C ILE B 210 28.13 6.65 8.77
N ILE B 211 28.38 5.58 9.51
CA ILE B 211 27.30 4.77 10.06
C ILE B 211 27.09 5.11 11.53
N CYS B 212 25.91 5.63 11.87
CA CYS B 212 25.62 5.98 13.25
C CYS B 212 25.55 4.75 14.14
N LYS B 213 26.07 4.88 15.35
CA LYS B 213 26.06 3.78 16.32
C LYS B 213 24.64 3.56 16.83
N GLU B 214 23.91 4.66 17.04
CA GLU B 214 22.55 4.59 17.55
C GLU B 214 21.54 4.49 16.40
N SER B 215 20.47 3.74 16.63
CA SER B 215 19.43 3.56 15.63
C SER B 215 18.25 4.48 15.94
N ILE B 216 17.31 4.56 15.02
CA ILE B 216 16.09 5.36 15.23
C ILE B 216 14.95 4.38 15.02
N SER B 217 13.75 4.70 15.50
CA SER B 217 12.64 3.78 15.35
C SER B 217 11.78 3.99 14.10
N VAL B 218 10.88 3.04 13.90
CA VAL B 218 9.95 3.08 12.78
C VAL B 218 8.93 1.99 13.10
N SER B 219 7.66 2.31 12.91
CA SER B 219 6.60 1.35 13.22
C SER B 219 6.38 0.39 12.05
N SER B 220 5.75 -0.73 12.35
CA SER B 220 5.45 -1.73 11.35
C SER B 220 4.55 -1.12 10.26
N GLU B 221 3.64 -0.24 10.66
CA GLU B 221 2.75 0.39 9.71
C GLU B 221 3.47 1.41 8.84
N GLN B 222 4.48 2.06 9.39
CA GLN B 222 5.24 3.04 8.61
C GLN B 222 6.03 2.31 7.54
N LEU B 223 6.56 1.14 7.87
CA LEU B 223 7.32 0.35 6.90
C LEU B 223 6.36 -0.12 5.81
N ALA B 224 5.11 -0.36 6.20
CA ALA B 224 4.09 -0.81 5.28
C ALA B 224 3.86 0.27 4.22
N GLN B 225 3.99 1.53 4.61
CA GLN B 225 3.80 2.63 3.68
C GLN B 225 4.89 2.65 2.61
N PHE B 226 6.13 2.35 3.00
CA PHE B 226 7.23 2.32 2.05
C PHE B 226 6.93 1.22 1.02
N ARG B 227 6.56 0.05 1.52
CA ARG B 227 6.27 -1.08 0.65
C ARG B 227 5.04 -0.89 -0.22
N SER B 228 4.20 0.09 0.13
CA SER B 228 3.00 0.33 -0.66
C SER B 228 3.31 1.19 -1.89
N LEU B 229 4.52 1.74 -1.96
CA LEU B 229 4.90 2.53 -3.12
C LEU B 229 4.91 1.58 -4.30
N LEU B 230 4.65 2.10 -5.50
CA LEU B 230 4.59 1.25 -6.69
C LEU B 230 5.80 1.44 -7.62
N SER B 231 6.31 0.33 -8.14
CA SER B 231 7.46 0.33 -9.04
C SER B 231 7.06 0.48 -10.51
N ASN B 232 5.77 0.32 -10.79
CA ASN B 232 5.26 0.41 -12.15
C ASN B 232 4.87 1.84 -12.49
N VAL B 233 4.71 2.12 -13.78
CA VAL B 233 4.31 3.44 -14.23
C VAL B 233 2.78 3.51 -14.15
N GLU B 234 2.26 4.71 -13.97
CA GLU B 234 0.82 4.93 -13.87
C GLU B 234 0.05 4.26 -15.00
N GLY B 235 -1.03 3.57 -14.64
CA GLY B 235 -1.84 2.90 -15.64
C GLY B 235 -1.65 1.39 -15.62
N ASP B 236 -0.40 0.95 -15.49
CA ASP B 236 -0.12 -0.48 -15.47
C ASP B 236 -0.58 -1.10 -14.16
N ASN B 237 -0.62 -2.43 -14.12
CA ASN B 237 -1.03 -3.13 -12.91
C ASN B 237 -0.05 -2.78 -11.79
N ALA B 238 -0.60 -2.42 -10.63
CA ALA B 238 0.21 -2.04 -9.48
C ALA B 238 1.14 -3.14 -9.00
N VAL B 239 2.40 -2.77 -8.77
CA VAL B 239 3.41 -3.69 -8.28
C VAL B 239 4.20 -3.00 -7.17
N PRO B 240 3.82 -3.27 -5.90
CA PRO B 240 4.46 -2.70 -4.71
C PRO B 240 5.97 -2.88 -4.64
N MET B 241 6.66 -1.89 -4.08
CA MET B 241 8.11 -1.94 -3.90
C MET B 241 8.33 -2.72 -2.60
N GLN B 242 8.45 -4.03 -2.69
CA GLN B 242 8.62 -4.82 -1.47
C GLN B 242 9.97 -4.77 -0.78
N HIS B 243 11.05 -4.56 -1.53
CA HIS B 243 12.38 -4.49 -0.93
C HIS B 243 13.41 -3.87 -1.87
N ASN B 244 14.47 -3.32 -1.29
CA ASN B 244 15.50 -2.67 -2.09
C ASN B 244 16.83 -2.55 -1.36
N ASN B 245 17.15 -3.54 -0.54
CA ASN B 245 18.41 -3.52 0.19
C ASN B 245 19.40 -4.51 -0.40
N ARG B 246 20.61 -4.03 -0.67
CA ARG B 246 21.67 -4.86 -1.23
C ARG B 246 22.31 -5.67 -0.11
N PRO B 247 22.71 -6.93 -0.41
CA PRO B 247 23.35 -7.77 0.61
C PRO B 247 24.69 -7.16 1.03
N THR B 248 25.19 -7.49 2.21
CA THR B 248 26.47 -6.95 2.64
C THR B 248 27.58 -7.53 1.75
N GLN B 249 28.62 -6.73 1.52
CA GLN B 249 29.73 -7.13 0.67
C GLN B 249 31.02 -7.36 1.46
N PRO B 250 31.95 -8.14 0.87
CA PRO B 250 33.23 -8.44 1.53
C PRO B 250 34.07 -7.21 1.84
N LEU B 251 34.60 -7.16 3.06
CA LEU B 251 35.41 -6.05 3.53
C LEU B 251 36.70 -5.93 2.71
N LYS B 252 37.24 -7.06 2.28
CA LYS B 252 38.45 -7.09 1.46
C LYS B 252 39.65 -6.36 2.06
N GLY B 253 39.86 -6.49 3.36
CA GLY B 253 41.00 -5.85 3.99
C GLY B 253 40.76 -4.43 4.50
N ARG B 254 39.58 -3.88 4.23
CA ARG B 254 39.27 -2.53 4.69
C ARG B 254 39.09 -2.52 6.21
N THR B 255 39.33 -1.38 6.82
CA THR B 255 39.15 -1.24 8.26
C THR B 255 37.97 -0.33 8.54
N VAL B 256 37.14 -0.71 9.50
CA VAL B 256 35.99 0.10 9.89
C VAL B 256 36.43 0.83 11.16
N ARG B 257 36.59 2.15 11.04
CA ARG B 257 37.02 2.97 12.17
C ARG B 257 35.85 3.41 13.03
N ALA B 258 36.08 3.57 14.32
CA ALA B 258 35.05 4.01 15.25
C ALA B 258 35.44 5.35 15.84
N SER B 259 34.46 6.23 16.01
CA SER B 259 34.70 7.54 16.59
C SER B 259 34.62 7.42 18.10
N PHE B 260 34.19 6.25 18.56
CA PHE B 260 34.01 6.01 19.98
C PHE B 260 34.67 4.71 20.44
ZN ZN C . -19.81 -8.24 -0.84
CAT TOR D . -23.60 -9.18 6.84
CAU TOR D . -23.08 -8.72 5.49
CAV TOR D . -24.20 -8.11 4.65
OAR TOR D . -22.54 -9.88 4.81
OAQ TOR D . -21.91 -7.91 5.66
CAK TOR D . -21.04 -8.13 4.53
CAG TOR D . -19.61 -7.72 4.90
OAF TOR D . -18.91 -7.55 3.69
CAE TOR D . -17.57 -8.05 3.77
CAD TOR D . -16.53 -6.92 3.90
CAJ TOR D . -17.33 -8.99 2.63
OAA TOR D . -17.55 -8.82 4.98
CAB TOR D . -18.75 -8.69 5.75
CAC TOR D . -19.32 -10.09 5.92
OAH TOR D . -20.20 -10.48 4.84
CAL TOR D . -21.23 -9.66 4.29
CAM TOR D . -21.15 -10.11 2.86
OAN TOR D . -22.09 -9.39 2.02
SAO TOR D . -22.15 -9.64 0.47
OAS TOR D . -22.89 -10.85 0.36
OAI TOR D . -22.68 -8.42 -0.01
NAP TOR D . -20.67 -9.87 -0.08
ZN ZN E . 21.01 4.19 -0.13
CAT TOR F . 23.47 9.02 -6.85
CAU TOR F . 23.06 8.41 -5.52
CAV TOR F . 23.84 8.95 -4.35
OAR TOR F . 23.23 6.97 -5.65
OAQ TOR F . 21.63 8.52 -5.38
CAK TOR F . 21.15 7.35 -4.72
CAG TOR F . 19.67 7.13 -5.04
OAF TOR F . 19.23 6.28 -3.97
CAE TOR F . 18.25 5.33 -4.43
CAD TOR F . 16.83 5.78 -4.06
CAJ TOR F . 18.61 4.01 -3.84
OAA TOR F . 18.47 5.29 -5.86
CAB TOR F . 19.27 6.37 -6.33
CAC TOR F . 20.44 5.79 -7.10
OAH TOR F . 21.55 5.41 -6.27
CAL TOR F . 22.10 6.23 -5.23
CAM TOR F . 22.48 5.21 -4.18
OAN TOR F . 22.94 5.85 -2.95
SAO TOR F . 23.42 5.06 -1.68
OAS TOR F . 24.69 4.56 -2.07
OAI TOR F . 23.35 6.03 -0.64
NAP TOR F . 22.36 3.91 -1.42
#